data_5VKS
#
_entry.id   5VKS
#
_cell.length_a   115.631
_cell.length_b   115.631
_cell.length_c   101.828
_cell.angle_alpha   90.000
_cell.angle_beta   90.000
_cell.angle_gamma   90.000
#
_symmetry.space_group_name_H-M   'I 41'
#
loop_
_entity.id
_entity.type
_entity.pdbx_description
1 polymer 'Outer capsid protein VP4'
2 branched alpha-L-fucopyranose-(1-2)-beta-D-galactopyranose-(1-3)-2-acetamido-2-deoxy-beta-D-glucopyranose-(1-3)-beta-D-galactopyranose-(1-4)-alpha-D-glucopyranose
3 non-polymer 'SULFATE ION'
4 non-polymer GLYCEROL
5 water water
#
_entity_poly.entity_id   1
_entity_poly.type   'polypeptide(L)'
_entity_poly.pdbx_seq_one_letter_code
;VLDGPYQPVTFKPPNDYWILINSNSNGVVLEGTNNTDVWVAIISIEPNVNSESRQYSLFGVNKQITVVNTSNKWKFMEMF
RNNSNAEFQHKRTLTSSTKLVGILKHGGRLWTYHGETPNATTDYSTTSNLNEISVTTYAEFYIIPRSQESKCTEYINTGL
;
_entity_poly.pdbx_strand_id   A,B
#
# COMPACT_ATOMS: atom_id res chain seq x y z
N VAL A 1 -7.24 8.85 30.43
CA VAL A 1 -6.51 10.15 30.24
C VAL A 1 -5.46 9.96 29.15
N LEU A 2 -5.43 10.83 28.16
CA LEU A 2 -4.47 10.69 27.07
C LEU A 2 -3.08 11.11 27.49
N ASP A 3 -2.09 10.31 27.10
CA ASP A 3 -0.70 10.59 27.38
C ASP A 3 -0.20 11.53 26.28
N GLY A 4 -0.46 12.82 26.48
CA GLY A 4 -0.03 13.88 25.58
C GLY A 4 -1.03 15.01 25.72
N PRO A 5 -1.00 15.98 24.81
CA PRO A 5 -0.20 15.99 23.60
C PRO A 5 1.23 16.43 23.88
N TYR A 6 2.18 15.93 23.10
CA TYR A 6 3.59 16.33 23.21
C TYR A 6 3.92 17.08 21.93
N GLN A 7 4.81 18.04 22.03
CA GLN A 7 5.22 18.82 20.90
C GLN A 7 6.31 18.08 20.07
N PRO A 8 6.48 18.45 18.79
CA PRO A 8 7.45 17.80 17.91
C PRO A 8 8.82 17.64 18.53
N VAL A 9 9.41 16.47 18.34
CA VAL A 9 10.73 16.20 18.92
C VAL A 9 11.39 15.00 18.23
N THR A 10 12.71 14.90 18.35
CA THR A 10 13.46 13.67 18.01
C THR A 10 13.63 12.77 19.25
N PHE A 11 13.19 11.51 19.20
CA PHE A 11 13.39 10.63 20.36
C PHE A 11 13.41 9.18 19.93
N LYS A 12 13.67 8.32 20.89
CA LYS A 12 13.71 6.90 20.65
C LYS A 12 12.50 6.26 21.30
N PRO A 13 11.48 5.89 20.51
CA PRO A 13 10.28 5.42 21.15
C PRO A 13 10.56 4.06 21.80
N PRO A 14 9.99 3.82 23.00
CA PRO A 14 10.21 2.53 23.62
C PRO A 14 9.41 1.44 22.93
N ASN A 15 9.92 0.23 23.06
CA ASN A 15 9.20 -0.93 22.60
C ASN A 15 7.81 -1.05 23.26
N ASP A 16 6.83 -1.35 22.42
CA ASP A 16 5.46 -1.66 22.81
C ASP A 16 4.64 -0.44 23.20
N TYR A 17 5.00 0.71 22.67
CA TYR A 17 4.16 1.89 22.74
C TYR A 17 3.93 2.52 21.37
N TRP A 18 2.65 2.64 21.00
CA TRP A 18 2.23 3.42 19.86
C TRP A 18 2.49 4.89 20.08
N ILE A 19 3.12 5.51 19.08
CA ILE A 19 3.17 6.95 18.95
C ILE A 19 2.08 7.33 17.96
N LEU A 20 1.13 8.14 18.40
CA LEU A 20 0.00 8.51 17.59
C LEU A 20 0.08 9.99 17.31
N ILE A 21 0.31 10.35 16.05
CA ILE A 21 0.53 11.71 15.67
C ILE A 21 -0.69 12.38 15.06
N ASN A 22 -0.97 13.58 15.53
CA ASN A 22 -2.19 14.27 15.16
C ASN A 22 -1.86 15.35 14.18
N SER A 23 -1.70 15.00 12.91
CA SER A 23 -1.30 16.01 11.91
C SER A 23 -2.49 16.88 11.50
N ASN A 24 -2.32 18.19 11.46
CA ASN A 24 -3.38 19.10 10.93
C ASN A 24 -2.97 19.53 9.51
N SER A 25 -1.71 19.25 9.15
CA SER A 25 -1.01 19.96 8.10
C SER A 25 -0.49 18.97 7.01
N ASN A 26 -0.21 19.46 5.81
CA ASN A 26 0.43 18.60 4.80
C ASN A 26 1.95 18.51 5.05
N GLY A 27 2.67 17.87 4.15
CA GLY A 27 4.09 17.66 4.36
C GLY A 27 4.47 16.45 5.19
N VAL A 28 5.75 16.41 5.56
CA VAL A 28 6.29 15.28 6.33
C VAL A 28 5.64 15.24 7.71
N VAL A 29 5.12 14.11 8.11
CA VAL A 29 4.48 13.97 9.40
C VAL A 29 5.44 13.37 10.41
N LEU A 30 6.20 12.36 9.98
CA LEU A 30 7.25 11.75 10.81
C LEU A 30 8.31 11.19 9.90
N GLU A 31 9.51 11.05 10.45
CA GLU A 31 10.56 10.29 9.81
C GLU A 31 11.33 9.54 10.85
N GLY A 32 11.85 8.35 10.50
CA GLY A 32 12.52 7.51 11.47
C GLY A 32 13.61 6.71 10.79
N THR A 33 14.67 6.40 11.52
CA THR A 33 15.76 5.58 11.00
C THR A 33 16.56 5.02 12.15
N ASN A 34 17.17 3.86 11.89
CA ASN A 34 18.20 3.31 12.74
C ASN A 34 19.56 3.42 12.08
N ASN A 35 19.61 4.15 10.97
CA ASN A 35 20.82 4.32 10.17
C ASN A 35 21.42 3.02 9.60
N THR A 36 20.73 1.89 9.71
CA THR A 36 21.30 0.63 9.20
C THR A 36 20.43 -0.03 8.13
N ASP A 37 19.18 -0.36 8.48
CA ASP A 37 18.27 -1.05 7.57
C ASP A 37 16.80 -0.53 7.55
N VAL A 38 16.53 0.60 8.22
CA VAL A 38 15.21 1.25 8.15
C VAL A 38 15.37 2.76 8.05
N TRP A 39 14.84 3.33 6.97
CA TRP A 39 14.48 4.72 6.85
C TRP A 39 13.01 4.78 6.44
N VAL A 40 12.19 5.44 7.22
CA VAL A 40 10.80 5.58 6.88
C VAL A 40 10.39 7.06 7.03
N ALA A 41 9.56 7.55 6.10
CA ALA A 41 8.92 8.84 6.28
C ALA A 41 7.46 8.75 5.88
N ILE A 42 6.61 9.43 6.62
CA ILE A 42 5.21 9.54 6.25
C ILE A 42 4.90 10.99 5.84
N ILE A 43 4.35 11.12 4.65
CA ILE A 43 4.11 12.37 3.98
C ILE A 43 2.61 12.55 3.83
N SER A 44 2.11 13.72 4.17
CA SER A 44 0.65 14.02 4.18
C SER A 44 0.30 14.86 2.91
N ILE A 45 -0.77 14.44 2.23
CA ILE A 45 -1.31 15.16 1.07
C ILE A 45 -2.77 15.49 1.32
N GLU A 46 -3.10 16.76 1.20
CA GLU A 46 -4.44 17.25 1.55
C GLU A 46 -5.51 16.74 0.53
N PRO A 47 -6.80 16.84 0.87
CA PRO A 47 -7.83 16.43 -0.07
C PRO A 47 -7.82 17.20 -1.39
N ASN A 48 -8.25 16.50 -2.45
CA ASN A 48 -8.52 17.11 -3.75
C ASN A 48 -7.34 17.81 -4.33
N VAL A 49 -6.26 17.07 -4.53
CA VAL A 49 -5.08 17.58 -5.16
C VAL A 49 -4.90 16.81 -6.44
N ASN A 50 -4.84 17.51 -7.57
CA ASN A 50 -4.47 16.89 -8.83
C ASN A 50 -2.97 16.70 -8.94
N SER A 51 -2.58 15.80 -9.83
CA SER A 51 -1.21 15.33 -9.92
C SER A 51 -0.23 16.48 -9.95
N GLU A 52 0.77 16.48 -9.06
CA GLU A 52 1.81 17.52 -9.08
C GLU A 52 3.11 17.10 -8.37
N SER A 53 4.21 17.72 -8.75
CA SER A 53 5.49 17.45 -8.12
C SER A 53 5.67 18.32 -6.87
N ARG A 54 6.02 17.73 -5.74
CA ARG A 54 6.28 18.51 -4.52
C ARG A 54 7.61 18.16 -3.90
N GLN A 55 8.15 19.10 -3.14
CA GLN A 55 9.45 18.92 -2.52
C GLN A 55 9.30 18.63 -1.04
N TYR A 56 10.04 17.63 -0.56
CA TYR A 56 10.03 17.26 0.85
C TYR A 56 11.47 17.08 1.34
N SER A 57 11.78 17.56 2.54
CA SER A 57 13.09 17.27 3.15
C SER A 57 13.03 15.97 3.95
N LEU A 58 13.71 14.94 3.49
CA LEU A 58 13.79 13.68 4.25
C LEU A 58 15.18 13.49 4.87
N PHE A 59 15.24 13.48 6.20
CA PHE A 59 16.55 13.43 6.91
C PHE A 59 17.54 14.51 6.43
N GLY A 60 17.04 15.73 6.23
CA GLY A 60 17.89 16.84 5.79
C GLY A 60 18.19 16.95 4.30
N VAL A 61 17.69 16.03 3.47
CA VAL A 61 17.93 16.05 2.01
C VAL A 61 16.64 16.27 1.20
N ASN A 62 16.66 17.16 0.21
CA ASN A 62 15.45 17.51 -0.55
C ASN A 62 15.11 16.41 -1.54
N LYS A 63 13.85 15.97 -1.54
CA LYS A 63 13.38 15.00 -2.51
C LYS A 63 12.13 15.55 -3.22
N GLN A 64 12.00 15.21 -4.51
CA GLN A 64 10.85 15.56 -5.32
C GLN A 64 10.00 14.31 -5.47
N ILE A 65 8.75 14.37 -5.04
CA ILE A 65 7.83 13.25 -5.19
C ILE A 65 6.60 13.80 -5.91
N THR A 66 6.14 13.06 -6.92
CA THR A 66 4.90 13.43 -7.57
C THR A 66 3.72 12.85 -6.86
N VAL A 67 2.77 13.67 -6.43
CA VAL A 67 1.66 13.20 -5.61
C VAL A 67 0.34 13.45 -6.28
N VAL A 68 -0.70 12.80 -5.78
CA VAL A 68 -2.04 13.02 -6.24
C VAL A 68 -2.99 12.53 -5.17
N ASN A 69 -4.10 13.22 -4.99
CA ASN A 69 -5.11 12.75 -4.06
C ASN A 69 -6.49 13.33 -4.41
N THR A 70 -7.28 12.62 -5.21
CA THR A 70 -8.58 13.18 -5.63
C THR A 70 -9.71 12.96 -4.61
N SER A 71 -9.44 12.19 -3.59
CA SER A 71 -10.32 11.95 -2.47
C SER A 71 -10.66 13.22 -1.63
N ASN A 72 -11.74 13.13 -0.87
CA ASN A 72 -12.03 14.08 0.18
C ASN A 72 -11.34 13.76 1.48
N LYS A 73 -10.73 12.57 1.56
CA LYS A 73 -9.87 12.21 2.68
C LYS A 73 -8.42 12.65 2.50
N TRP A 74 -7.70 12.77 3.61
CA TRP A 74 -6.28 13.02 3.57
C TRP A 74 -5.56 11.71 3.20
N LYS A 75 -4.46 11.88 2.49
CA LYS A 75 -3.65 10.74 2.13
C LYS A 75 -2.27 10.81 2.78
N PHE A 76 -1.84 9.69 3.37
CA PHE A 76 -0.54 9.62 4.00
C PHE A 76 0.28 8.56 3.30
N MET A 77 1.29 8.97 2.55
CA MET A 77 2.17 8.05 1.85
C MET A 77 3.34 7.63 2.75
N GLU A 78 3.57 6.33 2.86
CA GLU A 78 4.68 5.83 3.64
C GLU A 78 5.79 5.52 2.66
N MET A 79 6.88 6.27 2.79
CA MET A 79 8.05 6.15 1.95
C MET A 79 9.09 5.41 2.74
N PHE A 80 9.86 4.57 2.06
CA PHE A 80 10.71 3.63 2.74
C PHE A 80 11.97 3.27 1.93
N ARG A 81 13.04 2.97 2.65
CA ARG A 81 14.15 2.19 2.10
C ARG A 81 14.90 1.45 3.20
N ASN A 82 15.61 0.41 2.79
CA ASN A 82 16.37 -0.37 3.74
C ASN A 82 17.85 -0.26 3.57
N ASN A 83 18.32 0.75 2.87
CA ASN A 83 19.75 0.89 2.64
C ASN A 83 20.05 2.37 2.40
N SER A 84 21.18 2.86 2.92
CA SER A 84 21.51 4.29 2.80
C SER A 84 21.81 4.69 1.38
N ASN A 85 22.21 3.74 0.53
CA ASN A 85 22.48 4.06 -0.89
C ASN A 85 21.26 3.96 -1.81
N ALA A 86 20.13 3.48 -1.30
CA ALA A 86 18.95 3.30 -2.14
C ALA A 86 18.13 4.59 -2.19
N GLU A 87 17.21 4.68 -3.14
CA GLU A 87 16.24 5.76 -3.13
C GLU A 87 14.98 5.37 -2.31
N PHE A 88 14.31 6.38 -1.77
CA PHE A 88 13.03 6.19 -1.09
C PHE A 88 11.97 5.75 -2.08
N GLN A 89 11.21 4.73 -1.71
CA GLN A 89 10.11 4.27 -2.55
C GLN A 89 8.83 4.29 -1.77
N HIS A 90 7.74 4.47 -2.49
CA HIS A 90 6.42 4.42 -1.90
C HIS A 90 6.09 2.97 -1.54
N LYS A 91 5.81 2.71 -0.26
CA LYS A 91 5.59 1.35 0.18
C LYS A 91 4.10 1.08 0.44
N ARG A 92 3.42 2.01 1.10
CA ARG A 92 2.03 1.82 1.50
C ARG A 92 1.35 3.19 1.64
N THR A 93 0.04 3.16 1.86
CA THR A 93 -0.78 4.38 1.94
C THR A 93 -1.85 4.21 2.96
N LEU A 94 -2.10 5.28 3.74
CA LEU A 94 -3.26 5.35 4.61
C LEU A 94 -4.11 6.52 4.12
N THR A 95 -5.38 6.29 3.89
CA THR A 95 -6.29 7.30 3.44
C THR A 95 -7.25 7.53 4.56
N SER A 96 -7.34 8.77 5.05
CA SER A 96 -7.88 9.00 6.39
C SER A 96 -8.75 10.25 6.52
N SER A 97 -9.89 10.10 7.16
CA SER A 97 -10.68 11.28 7.52
C SER A 97 -10.28 11.85 8.87
N THR A 98 -9.51 11.12 9.66
CA THR A 98 -9.20 11.54 11.04
C THR A 98 -7.89 12.29 11.14
N LYS A 99 -6.97 12.03 10.19
CA LYS A 99 -5.64 12.65 10.12
C LYS A 99 -4.64 12.20 11.19
N LEU A 100 -4.93 11.07 11.83
CA LEU A 100 -4.04 10.46 12.80
C LEU A 100 -3.21 9.32 12.17
N VAL A 101 -1.92 9.33 12.49
CA VAL A 101 -0.93 8.44 11.95
C VAL A 101 -0.22 7.79 13.14
N GLY A 102 0.10 6.50 13.04
CA GLY A 102 0.71 5.77 14.14
C GLY A 102 1.99 5.08 13.71
N ILE A 103 2.89 4.94 14.66
CA ILE A 103 4.06 4.08 14.52
C ILE A 103 4.36 3.35 15.82
N LEU A 104 4.89 2.12 15.72
CA LEU A 104 5.08 1.24 16.87
C LEU A 104 6.23 0.30 16.64
N LYS A 105 7.09 0.20 17.64
CA LYS A 105 8.19 -0.78 17.65
C LYS A 105 7.77 -1.97 18.47
N HIS A 106 7.67 -3.14 17.86
CA HIS A 106 7.16 -4.34 18.56
C HIS A 106 7.60 -5.62 17.86
N GLY A 107 8.15 -6.53 18.65
CA GLY A 107 8.36 -7.91 18.20
C GLY A 107 9.31 -8.02 17.04
N GLY A 108 10.41 -7.29 17.13
CA GLY A 108 11.38 -7.28 16.04
C GLY A 108 10.96 -6.53 14.77
N ARG A 109 9.81 -5.85 14.81
CA ARG A 109 9.27 -5.20 13.62
C ARG A 109 8.81 -3.77 13.87
N LEU A 110 8.70 -3.00 12.79
CA LEU A 110 8.19 -1.63 12.84
C LEU A 110 6.81 -1.57 12.20
N TRP A 111 5.82 -1.11 12.97
CA TRP A 111 4.42 -1.11 12.58
C TRP A 111 3.86 0.27 12.29
N THR A 112 3.04 0.35 11.24
CA THR A 112 2.28 1.54 10.87
C THR A 112 0.86 1.09 10.49
N TYR A 113 -0.02 2.05 10.25
CA TYR A 113 -1.36 1.76 9.75
C TYR A 113 -1.44 2.07 8.25
N HIS A 114 -2.23 1.25 7.56
CA HIS A 114 -2.48 1.50 6.15
C HIS A 114 -3.88 1.11 5.78
N GLY A 115 -4.28 1.43 4.56
CA GLY A 115 -5.63 1.19 4.12
C GLY A 115 -6.44 2.46 4.26
N GLU A 116 -7.74 2.35 4.54
CA GLU A 116 -8.67 3.47 4.47
C GLU A 116 -9.60 3.46 5.68
N THR A 117 -9.67 4.58 6.39
CA THR A 117 -10.54 4.70 7.55
C THR A 117 -11.96 4.51 7.06
N PRO A 118 -12.85 3.92 7.89
CA PRO A 118 -12.65 3.43 9.26
C PRO A 118 -12.15 1.97 9.39
N ASN A 119 -11.47 1.48 8.38
CA ASN A 119 -10.98 0.11 8.34
C ASN A 119 -9.48 0.03 8.19
N ALA A 120 -8.75 1.03 8.68
CA ALA A 120 -7.29 0.97 8.62
C ALA A 120 -6.75 -0.17 9.48
N THR A 121 -5.74 -0.85 8.99
CA THR A 121 -5.14 -1.99 9.66
C THR A 121 -3.62 -1.78 9.78
N THR A 122 -2.97 -2.62 10.57
CA THR A 122 -1.53 -2.48 10.82
C THR A 122 -0.76 -3.40 9.88
N ASP A 123 0.44 -2.97 9.53
CA ASP A 123 1.37 -3.81 8.78
C ASP A 123 2.76 -3.42 9.25
N TYR A 124 3.78 -4.14 8.79
CA TYR A 124 5.12 -3.99 9.34
C TYR A 124 6.20 -3.94 8.27
N SER A 125 7.34 -3.41 8.68
CA SER A 125 8.59 -3.55 7.97
C SER A 125 9.52 -4.32 8.90
N THR A 126 10.44 -5.09 8.32
CA THR A 126 11.33 -5.90 9.12
C THR A 126 12.60 -5.12 9.35
N THR A 127 13.33 -5.51 10.37
CA THR A 127 14.60 -4.90 10.71
C THR A 127 15.33 -5.87 11.62
N SER A 128 16.65 -5.82 11.60
CA SER A 128 17.40 -6.56 12.60
C SER A 128 17.95 -5.61 13.69
N ASN A 129 17.51 -4.34 13.69
CA ASN A 129 17.96 -3.34 14.68
C ASN A 129 16.81 -2.41 15.07
N LEU A 130 15.85 -2.99 15.77
CA LEU A 130 14.60 -2.32 16.06
C LEU A 130 14.85 -1.26 17.12
N ASN A 131 15.55 -1.65 18.17
CA ASN A 131 15.68 -0.78 19.34
C ASN A 131 16.29 0.57 18.93
N GLU A 132 17.15 0.54 17.94
CA GLU A 132 17.88 1.72 17.56
C GLU A 132 17.08 2.67 16.64
N ILE A 133 15.83 2.37 16.30
CA ILE A 133 15.04 3.28 15.48
C ILE A 133 14.62 4.49 16.31
N SER A 134 15.09 5.66 15.89
CA SER A 134 14.56 6.93 16.41
C SER A 134 13.60 7.59 15.43
N VAL A 135 12.77 8.48 15.96
CA VAL A 135 11.79 9.19 15.14
C VAL A 135 11.83 10.69 15.43
N THR A 136 11.61 11.47 14.39
CA THR A 136 11.28 12.88 14.53
C THR A 136 9.84 13.09 14.09
N THR A 137 9.01 13.64 14.99
CA THR A 137 7.63 14.01 14.66
C THR A 137 7.55 15.48 14.25
N TYR A 138 6.62 15.83 13.37
CA TYR A 138 6.44 17.21 12.92
C TYR A 138 5.10 17.75 13.34
N ALA A 139 4.40 17.00 14.17
CA ALA A 139 3.17 17.48 14.76
C ALA A 139 3.02 16.88 16.14
N GLU A 140 2.01 17.34 16.88
CA GLU A 140 1.81 16.89 18.22
C GLU A 140 1.36 15.45 18.25
N PHE A 141 1.69 14.77 19.34
CA PHE A 141 1.47 13.35 19.42
C PHE A 141 1.13 12.86 20.81
N TYR A 142 0.64 11.63 20.85
CA TYR A 142 0.21 10.96 22.04
C TYR A 142 0.92 9.63 22.10
N ILE A 143 0.99 9.08 23.29
CA ILE A 143 1.65 7.80 23.48
C ILE A 143 0.67 6.81 24.07
N ILE A 144 0.56 5.63 23.48
CA ILE A 144 -0.45 4.65 23.88
C ILE A 144 0.17 3.25 23.93
N PRO A 145 0.10 2.57 25.09
CA PRO A 145 0.69 1.22 25.19
C PRO A 145 0.03 0.25 24.26
N ARG A 146 0.80 -0.72 23.75
CA ARG A 146 0.29 -1.72 22.85
C ARG A 146 -0.75 -2.54 23.56
N SER A 147 -0.63 -2.68 24.87
CA SER A 147 -1.71 -3.33 25.65
C SER A 147 -3.05 -2.67 25.43
N GLN A 148 -3.09 -1.41 24.99
CA GLN A 148 -4.34 -0.74 24.65
C GLN A 148 -4.44 -0.44 23.14
N GLU A 149 -3.92 -1.32 22.30
CA GLU A 149 -3.92 -1.04 20.86
C GLU A 149 -5.33 -0.92 20.29
N SER A 150 -6.30 -1.61 20.86
CA SER A 150 -7.64 -1.45 20.27
C SER A 150 -8.11 0.00 20.39
N LYS A 151 -7.68 0.69 21.44
CA LYS A 151 -8.00 2.09 21.56
C LYS A 151 -7.30 2.93 20.48
N CYS A 152 -6.00 2.68 20.28
CA CYS A 152 -5.25 3.37 19.24
C CYS A 152 -5.88 3.13 17.83
N THR A 153 -6.22 1.88 17.53
CA THR A 153 -6.95 1.55 16.27
C THR A 153 -8.29 2.29 16.14
N GLU A 154 -9.05 2.38 17.24
CA GLU A 154 -10.25 3.20 17.25
C GLU A 154 -9.95 4.67 16.94
N TYR A 155 -8.90 5.23 17.53
CA TYR A 155 -8.58 6.61 17.25
C TYR A 155 -8.19 6.81 15.81
N ILE A 156 -7.35 5.90 15.30
CA ILE A 156 -6.89 6.03 13.92
C ILE A 156 -8.07 6.11 12.98
N ASN A 157 -9.09 5.30 13.26
CA ASN A 157 -10.22 5.10 12.36
C ASN A 157 -11.41 6.01 12.60
N THR A 158 -11.60 6.49 13.82
CA THR A 158 -12.76 7.36 14.12
C THR A 158 -12.48 8.69 14.82
N GLY A 159 -11.25 8.97 15.22
CA GLY A 159 -10.90 10.30 15.70
C GLY A 159 -10.62 10.24 17.19
N LEU A 160 -9.90 11.22 17.71
CA LEU A 160 -9.55 11.28 19.14
C LEU A 160 -10.76 11.35 20.11
N VAL B 1 -0.36 -2.46 -32.45
CA VAL B 1 -1.53 -3.39 -32.36
C VAL B 1 -1.53 -4.08 -31.00
N LEU B 2 -2.65 -4.06 -30.28
CA LEU B 2 -2.68 -4.64 -28.95
C LEU B 2 -2.78 -6.15 -29.01
N ASP B 3 -2.00 -6.83 -28.17
CA ASP B 3 -2.03 -8.27 -28.08
C ASP B 3 -3.19 -8.64 -27.16
N GLY B 4 -4.36 -8.68 -27.75
CA GLY B 4 -5.60 -9.04 -27.05
C GLY B 4 -6.77 -8.38 -27.76
N PRO B 5 -7.94 -8.37 -27.15
CA PRO B 5 -8.19 -8.86 -25.79
C PRO B 5 -8.33 -10.36 -25.77
N TYR B 6 -7.96 -10.97 -24.66
CA TYR B 6 -8.19 -12.42 -24.42
C TYR B 6 -9.23 -12.54 -23.30
N GLN B 7 -10.01 -13.60 -23.36
CA GLN B 7 -11.05 -13.86 -22.42
C GLN B 7 -10.46 -14.53 -21.16
N PRO B 8 -11.19 -14.51 -20.04
CA PRO B 8 -10.71 -15.08 -18.77
C PRO B 8 -10.21 -16.49 -18.90
N VAL B 9 -9.09 -16.79 -18.22
CA VAL B 9 -8.48 -18.11 -18.33
C VAL B 9 -7.50 -18.34 -17.17
N THR B 10 -7.16 -19.59 -16.90
CA THR B 10 -6.04 -19.98 -16.03
C THR B 10 -4.82 -20.28 -16.90
N PHE B 11 -3.69 -19.61 -16.68
CA PHE B 11 -2.49 -19.89 -17.49
C PHE B 11 -1.25 -19.54 -16.71
N LYS B 12 -0.11 -19.87 -17.29
CA LYS B 12 1.18 -19.52 -16.73
C LYS B 12 1.81 -18.41 -17.55
N PRO B 13 1.83 -17.16 -17.05
CA PRO B 13 2.33 -16.09 -17.86
C PRO B 13 3.83 -16.26 -18.03
N PRO B 14 4.36 -15.96 -19.22
CA PRO B 14 5.77 -16.07 -19.41
C PRO B 14 6.52 -14.91 -18.77
N ASN B 15 7.77 -15.19 -18.46
CA ASN B 15 8.63 -14.19 -17.91
C ASN B 15 8.77 -13.00 -18.87
N ASP B 16 8.72 -11.82 -18.30
CA ASP B 16 8.96 -10.56 -19.00
C ASP B 16 7.82 -10.12 -19.91
N TYR B 17 6.61 -10.56 -19.60
CA TYR B 17 5.43 -10.00 -20.21
C TYR B 17 4.40 -9.52 -19.19
N TRP B 18 4.00 -8.25 -19.32
CA TRP B 18 2.87 -7.73 -18.55
C TRP B 18 1.57 -8.35 -19.03
N ILE B 19 0.76 -8.82 -18.07
CA ILE B 19 -0.63 -9.11 -18.30
C ILE B 19 -1.40 -7.90 -17.78
N LEU B 20 -2.18 -7.28 -18.65
CA LEU B 20 -2.91 -6.08 -18.33
C LEU B 20 -4.38 -6.40 -18.42
N ILE B 21 -5.05 -6.35 -17.28
CA ILE B 21 -6.45 -6.74 -17.19
C ILE B 21 -7.38 -5.55 -17.18
N ASN B 22 -8.38 -5.61 -18.04
CA ASN B 22 -9.31 -4.52 -18.21
C ASN B 22 -10.57 -4.82 -17.43
N SER B 23 -10.60 -4.56 -16.13
CA SER B 23 -11.80 -4.90 -15.34
C SER B 23 -12.89 -3.83 -15.56
N ASN B 24 -14.12 -4.26 -15.79
CA ASN B 24 -15.28 -3.34 -15.85
C ASN B 24 -16.07 -3.44 -14.54
N SER B 25 -15.76 -4.47 -13.75
CA SER B 25 -16.65 -5.00 -12.75
C SER B 25 -15.96 -5.06 -11.37
N ASN B 26 -16.72 -5.11 -10.28
CA ASN B 26 -16.12 -5.27 -8.96
C ASN B 26 -15.81 -6.77 -8.70
N GLY B 27 -15.34 -7.11 -7.52
CA GLY B 27 -14.96 -8.49 -7.20
C GLY B 27 -13.52 -8.81 -7.58
N VAL B 28 -13.21 -10.10 -7.52
CA VAL B 28 -11.85 -10.58 -7.80
C VAL B 28 -11.48 -10.31 -9.26
N VAL B 29 -10.35 -9.69 -9.49
CA VAL B 29 -9.94 -9.35 -10.84
C VAL B 29 -8.96 -10.41 -11.34
N LEU B 30 -8.03 -10.80 -10.48
CA LEU B 30 -7.07 -11.87 -10.77
C LEU B 30 -6.68 -12.55 -9.50
N GLU B 31 -6.25 -13.79 -9.62
CA GLU B 31 -5.58 -14.48 -8.53
C GLU B 31 -4.45 -15.31 -9.09
N GLY B 32 -3.38 -15.45 -8.31
CA GLY B 32 -2.20 -16.18 -8.77
C GLY B 32 -1.54 -16.91 -7.62
N THR B 33 -0.94 -18.06 -7.90
CA THR B 33 -0.18 -18.79 -6.90
C THR B 33 0.80 -19.74 -7.59
N ASN B 34 1.92 -19.99 -6.90
CA ASN B 34 2.81 -21.09 -7.21
C ASN B 34 2.66 -22.24 -6.22
N ASN B 35 1.66 -22.13 -5.35
CA ASN B 35 1.40 -23.13 -4.32
C ASN B 35 2.55 -23.31 -3.30
N THR B 36 3.54 -22.43 -3.28
CA THR B 36 4.65 -22.61 -2.34
C THR B 36 4.87 -21.39 -1.46
N ASP B 37 5.16 -20.24 -2.06
CA ASP B 37 5.43 -19.01 -1.32
C ASP B 37 4.73 -17.74 -1.87
N VAL B 38 3.87 -17.84 -2.88
CA VAL B 38 3.06 -16.71 -3.33
C VAL B 38 1.61 -17.14 -3.55
N TRP B 39 0.68 -16.46 -2.87
CA TRP B 39 -0.72 -16.41 -3.21
C TRP B 39 -1.10 -14.94 -3.26
N VAL B 40 -1.60 -14.47 -4.39
CA VAL B 40 -1.99 -13.08 -4.52
C VAL B 40 -3.38 -13.01 -5.15
N ALA B 41 -4.20 -12.08 -4.70
CA ALA B 41 -5.45 -11.76 -5.38
C ALA B 41 -5.65 -10.27 -5.40
N ILE B 42 -6.22 -9.77 -6.47
CA ILE B 42 -6.60 -8.38 -6.57
C ILE B 42 -8.12 -8.30 -6.64
N ILE B 43 -8.66 -7.47 -5.76
CA ILE B 43 -10.07 -7.34 -5.54
C ILE B 43 -10.47 -5.90 -5.86
N SER B 44 -11.54 -5.74 -6.64
CA SER B 44 -11.98 -4.42 -7.16
C SER B 44 -13.17 -3.92 -6.32
N ILE B 45 -13.11 -2.66 -5.91
CA ILE B 45 -14.20 -2.00 -5.16
C ILE B 45 -14.64 -0.75 -5.89
N GLU B 46 -15.93 -0.69 -6.24
CA GLU B 46 -16.44 0.41 -7.07
C GLU B 46 -16.35 1.79 -6.31
N PRO B 47 -16.51 2.91 -7.02
CA PRO B 47 -16.52 4.20 -6.34
C PRO B 47 -17.64 4.35 -5.32
N ASN B 48 -17.35 5.13 -4.30
CA ASN B 48 -18.35 5.62 -3.35
C ASN B 48 -19.04 4.53 -2.62
N VAL B 49 -18.26 3.66 -1.97
CA VAL B 49 -18.78 2.59 -1.15
C VAL B 49 -18.42 2.91 0.29
N ASN B 50 -19.41 2.96 1.17
CA ASN B 50 -19.14 3.07 2.61
C ASN B 50 -18.82 1.72 3.21
N SER B 51 -18.22 1.74 4.39
CA SER B 51 -17.61 0.57 4.97
C SER B 51 -18.60 -0.58 5.01
N GLU B 52 -18.23 -1.73 4.45
CA GLU B 52 -19.09 -2.92 4.53
C GLU B 52 -18.30 -4.24 4.37
N SER B 53 -18.84 -5.32 4.91
CA SER B 53 -18.27 -6.65 4.76
C SER B 53 -18.71 -7.28 3.45
N ARG B 54 -17.79 -7.83 2.67
CA ARG B 54 -18.16 -8.51 1.41
C ARG B 54 -17.47 -9.85 1.32
N GLN B 55 -18.09 -10.76 0.59
CA GLN B 55 -17.54 -12.09 0.40
C GLN B 55 -16.83 -12.23 -0.97
N TYR B 56 -15.67 -12.86 -0.94
CA TYR B 56 -14.92 -13.16 -2.17
C TYR B 56 -14.43 -14.62 -2.13
N SER B 57 -14.46 -15.30 -3.26
CA SER B 57 -13.84 -16.63 -3.35
C SER B 57 -12.39 -16.50 -3.79
N LEU B 58 -11.45 -16.87 -2.93
CA LEU B 58 -10.02 -16.85 -3.28
C LEU B 58 -9.51 -18.28 -3.41
N PHE B 59 -9.09 -18.67 -4.60
CA PHE B 59 -8.67 -20.08 -4.85
C PHE B 59 -9.72 -21.12 -4.40
N GLY B 60 -11.00 -20.86 -4.65
CA GLY B 60 -12.08 -21.75 -4.26
C GLY B 60 -12.60 -21.67 -2.82
N VAL B 61 -12.07 -20.77 -2.00
CA VAL B 61 -12.47 -20.65 -0.58
C VAL B 61 -13.07 -19.27 -0.30
N ASN B 62 -14.20 -19.23 0.41
CA ASN B 62 -14.89 -17.95 0.69
C ASN B 62 -14.14 -17.18 1.76
N LYS B 63 -13.92 -15.89 1.51
CA LYS B 63 -13.32 -15.01 2.50
C LYS B 63 -14.20 -13.78 2.68
N GLN B 64 -14.31 -13.31 3.93
CA GLN B 64 -15.02 -12.07 4.25
C GLN B 64 -13.98 -10.98 4.44
N ILE B 65 -14.08 -9.89 3.68
CA ILE B 65 -13.18 -8.77 3.82
C ILE B 65 -14.02 -7.51 3.98
N THR B 66 -13.68 -6.68 4.97
CA THR B 66 -14.34 -5.40 5.12
C THR B 66 -13.74 -4.37 4.23
N VAL B 67 -14.52 -3.75 3.34
CA VAL B 67 -13.98 -2.81 2.36
C VAL B 67 -14.54 -1.42 2.55
N VAL B 68 -13.90 -0.44 1.94
CA VAL B 68 -14.42 0.91 1.90
C VAL B 68 -13.75 1.61 0.76
N ASN B 69 -14.49 2.49 0.08
CA ASN B 69 -13.91 3.31 -0.98
C ASN B 69 -14.74 4.57 -1.16
N THR B 70 -14.39 5.67 -0.48
CA THR B 70 -15.20 6.90 -0.63
C THR B 70 -14.80 7.78 -1.82
N SER B 71 -13.76 7.39 -2.52
CA SER B 71 -13.30 8.03 -3.74
C SER B 71 -14.29 7.88 -4.93
N ASN B 72 -14.13 8.72 -5.93
CA ASN B 72 -14.75 8.54 -7.23
C ASN B 72 -13.92 7.64 -8.15
N LYS B 73 -12.73 7.28 -7.71
CA LYS B 73 -11.95 6.26 -8.40
C LYS B 73 -12.27 4.84 -7.92
N TRP B 74 -11.95 3.87 -8.77
CA TRP B 74 -12.06 2.47 -8.38
C TRP B 74 -10.84 2.12 -7.51
N LYS B 75 -11.05 1.20 -6.58
CA LYS B 75 -9.98 0.77 -5.71
C LYS B 75 -9.69 -0.70 -5.96
N PHE B 76 -8.41 -1.03 -6.11
CA PHE B 76 -8.00 -2.41 -6.28
C PHE B 76 -7.12 -2.80 -5.11
N MET B 77 -7.61 -3.68 -4.25
CA MET B 77 -6.83 -4.11 -3.11
C MET B 77 -6.02 -5.34 -3.48
N GLU B 78 -4.74 -5.31 -3.17
CA GLU B 78 -3.88 -6.48 -3.38
C GLU B 78 -3.73 -7.26 -2.09
N MET B 79 -4.31 -8.47 -2.09
CA MET B 79 -4.32 -9.35 -0.95
C MET B 79 -3.24 -10.39 -1.21
N PHE B 80 -2.54 -10.78 -0.16
CA PHE B 80 -1.34 -11.58 -0.31
C PHE B 80 -1.06 -12.46 0.90
N ARG B 81 -0.46 -13.61 0.64
CA ARG B 81 0.26 -14.35 1.68
C ARG B 81 1.34 -15.22 1.08
N ASN B 82 2.33 -15.55 1.90
CA ASN B 82 3.44 -16.37 1.45
C ASN B 82 3.45 -17.77 2.05
N ASN B 83 2.33 -18.21 2.59
CA ASN B 83 2.30 -19.53 3.19
C ASN B 83 0.86 -20.04 3.14
N SER B 84 0.68 -21.33 2.81
CA SER B 84 -0.66 -21.90 2.70
C SER B 84 -1.40 -21.95 4.01
N ASN B 85 -0.70 -21.92 5.14
CA ASN B 85 -1.37 -21.88 6.44
C ASN B 85 -1.72 -20.49 6.94
N ALA B 86 -1.26 -19.45 6.27
CA ALA B 86 -1.47 -18.08 6.75
C ALA B 86 -2.81 -17.55 6.23
N GLU B 87 -3.26 -16.44 6.79
CA GLU B 87 -4.40 -15.73 6.23
C GLU B 87 -3.95 -14.67 5.19
N PHE B 88 -4.84 -14.39 4.25
CA PHE B 88 -4.63 -13.30 3.29
C PHE B 88 -4.63 -11.96 4.02
N GLN B 89 -3.64 -11.13 3.71
CA GLN B 89 -3.57 -9.78 4.27
C GLN B 89 -3.52 -8.76 3.15
N HIS B 90 -4.07 -7.60 3.42
CA HIS B 90 -3.98 -6.49 2.51
C HIS B 90 -2.55 -5.97 2.48
N LYS B 91 -1.94 -5.97 1.30
CA LYS B 91 -0.55 -5.60 1.17
C LYS B 91 -0.40 -4.21 0.53
N ARG B 92 -1.18 -3.93 -0.51
CA ARG B 92 -1.07 -2.67 -1.24
C ARG B 92 -2.42 -2.35 -1.90
N THR B 93 -2.47 -1.16 -2.49
CA THR B 93 -3.70 -0.64 -3.11
C THR B 93 -3.35 0.15 -4.33
N LEU B 94 -4.16 0.00 -5.38
CA LEU B 94 -4.11 0.87 -6.55
C LEU B 94 -5.45 1.57 -6.66
N THR B 95 -5.43 2.88 -6.75
CA THR B 95 -6.66 3.65 -6.82
C THR B 95 -6.69 4.23 -8.21
N SER B 96 -7.72 3.93 -8.98
CA SER B 96 -7.61 4.10 -10.45
C SER B 96 -8.87 4.62 -11.14
N SER B 97 -8.72 5.61 -12.01
CA SER B 97 -9.83 5.99 -12.87
C SER B 97 -9.88 5.17 -14.16
N THR B 98 -8.84 4.41 -14.48
CA THR B 98 -8.79 3.70 -15.77
C THR B 98 -9.28 2.28 -15.65
N LYS B 99 -9.19 1.71 -14.46
CA LYS B 99 -9.66 0.34 -14.15
C LYS B 99 -8.79 -0.80 -14.71
N LEU B 100 -7.58 -0.47 -15.11
CA LEU B 100 -6.61 -1.42 -15.62
C LEU B 100 -5.64 -1.85 -14.51
N VAL B 101 -5.37 -3.15 -14.46
CA VAL B 101 -4.57 -3.77 -13.43
C VAL B 101 -3.52 -4.63 -14.15
N GLY B 102 -2.31 -4.65 -13.62
CA GLY B 102 -1.19 -5.35 -14.25
C GLY B 102 -0.52 -6.33 -13.33
N ILE B 103 0.01 -7.39 -13.92
CA ILE B 103 0.89 -8.30 -13.20
C ILE B 103 2.02 -8.81 -14.13
N LEU B 104 3.22 -8.94 -13.59
CA LEU B 104 4.42 -9.26 -14.37
C LEU B 104 5.35 -10.13 -13.57
N LYS B 105 5.86 -11.18 -14.21
CA LYS B 105 6.94 -12.01 -13.63
C LYS B 105 8.26 -11.57 -14.24
N HIS B 106 9.19 -11.08 -13.42
CA HIS B 106 10.45 -10.58 -13.93
C HIS B 106 11.53 -10.56 -12.85
N GLY B 107 12.69 -11.09 -13.19
CA GLY B 107 13.89 -10.88 -12.40
C GLY B 107 13.75 -11.43 -11.00
N GLY B 108 13.19 -12.63 -10.89
CA GLY B 108 13.03 -13.28 -9.58
C GLY B 108 11.86 -12.80 -8.75
N ARG B 109 11.10 -11.83 -9.27
CA ARG B 109 10.05 -11.15 -8.50
C ARG B 109 8.70 -11.11 -9.22
N LEU B 110 7.63 -10.91 -8.44
CA LEU B 110 6.30 -10.68 -8.97
C LEU B 110 5.94 -9.20 -8.81
N TRP B 111 5.58 -8.55 -9.92
CA TRP B 111 5.30 -7.13 -9.99
C TRP B 111 3.84 -6.79 -10.23
N THR B 112 3.36 -5.71 -9.59
CA THR B 112 2.00 -5.17 -9.74
C THR B 112 2.13 -3.65 -9.68
N TYR B 113 1.06 -2.93 -9.97
CA TYR B 113 1.05 -1.50 -9.84
C TYR B 113 0.31 -1.09 -8.56
N HIS B 114 0.76 0.00 -7.95
CA HIS B 114 0.09 0.54 -6.79
C HIS B 114 0.20 2.02 -6.74
N GLY B 115 -0.53 2.62 -5.80
CA GLY B 115 -0.63 4.07 -5.73
C GLY B 115 -1.89 4.56 -6.44
N GLU B 116 -1.82 5.72 -7.08
CA GLU B 116 -3.01 6.43 -7.55
C GLU B 116 -2.75 6.99 -8.94
N THR B 117 -3.63 6.66 -9.87
CA THR B 117 -3.49 7.16 -11.23
C THR B 117 -3.66 8.67 -11.16
N PRO B 118 -2.95 9.39 -12.00
CA PRO B 118 -2.06 8.97 -13.11
C PRO B 118 -0.57 8.79 -12.71
N ASN B 119 -0.30 8.54 -11.44
CA ASN B 119 1.05 8.30 -10.96
C ASN B 119 1.24 6.93 -10.35
N ALA B 120 0.54 5.92 -10.86
CA ALA B 120 0.74 4.56 -10.37
C ALA B 120 2.13 4.05 -10.73
N THR B 121 2.73 3.32 -9.80
CA THR B 121 4.10 2.84 -9.94
C THR B 121 4.15 1.34 -9.66
N THR B 122 5.25 0.72 -10.00
CA THR B 122 5.38 -0.72 -9.79
C THR B 122 6.05 -1.05 -8.47
N ASP B 123 5.69 -2.21 -7.93
CA ASP B 123 6.36 -2.75 -6.76
C ASP B 123 6.29 -4.28 -6.88
N TYR B 124 6.95 -4.97 -5.97
CA TYR B 124 7.13 -6.39 -6.10
C TYR B 124 6.90 -7.15 -4.84
N SER B 125 6.71 -8.45 -5.00
CA SER B 125 6.78 -9.40 -3.93
C SER B 125 7.91 -10.37 -4.34
N THR B 126 8.58 -10.92 -3.34
CA THR B 126 9.69 -11.83 -3.60
C THR B 126 9.16 -13.25 -3.63
N THR B 127 9.91 -14.12 -4.29
CA THR B 127 9.59 -15.53 -4.35
C THR B 127 10.87 -16.26 -4.71
N SER B 128 10.96 -17.50 -4.32
CA SER B 128 12.04 -18.32 -4.84
C SER B 128 11.55 -19.30 -5.93
N ASN B 129 10.30 -19.15 -6.39
CA ASN B 129 9.69 -20.02 -7.42
C ASN B 129 8.79 -19.21 -8.36
N LEU B 130 9.41 -18.34 -9.12
CA LEU B 130 8.70 -17.38 -9.95
C LEU B 130 8.03 -18.08 -11.13
N ASN B 131 8.76 -18.99 -11.76
CA ASN B 131 8.32 -19.54 -13.02
C ASN B 131 7.02 -20.31 -12.81
N GLU B 132 6.83 -20.87 -11.63
CA GLU B 132 5.67 -21.68 -11.37
C GLU B 132 4.43 -20.87 -10.97
N ILE B 133 4.49 -19.55 -10.93
CA ILE B 133 3.28 -18.76 -10.65
C ILE B 133 2.33 -18.82 -11.84
N SER B 134 1.12 -19.34 -11.62
CA SER B 134 0.02 -19.25 -12.60
C SER B 134 -1.00 -18.24 -12.13
N VAL B 135 -1.76 -17.69 -13.06
CA VAL B 135 -2.85 -16.77 -12.72
C VAL B 135 -4.17 -17.17 -13.38
N THR B 136 -5.26 -16.81 -12.71
CA THR B 136 -6.57 -16.83 -13.30
C THR B 136 -7.04 -15.39 -13.38
N THR B 137 -7.41 -14.95 -14.58
CA THR B 137 -8.06 -13.66 -14.76
C THR B 137 -9.59 -13.80 -14.76
N TYR B 138 -10.29 -12.75 -14.35
CA TYR B 138 -11.75 -12.76 -14.33
C TYR B 138 -12.31 -11.69 -15.22
N ALA B 139 -11.45 -11.08 -16.02
CA ALA B 139 -11.86 -10.14 -17.04
C ALA B 139 -10.89 -10.25 -18.22
N GLU B 140 -11.24 -9.58 -19.31
CA GLU B 140 -10.44 -9.61 -20.49
C GLU B 140 -9.13 -8.90 -20.29
N PHE B 141 -8.10 -9.39 -20.99
CA PHE B 141 -6.76 -8.88 -20.80
C PHE B 141 -5.94 -8.80 -22.09
N TYR B 142 -4.81 -8.13 -21.97
CA TYR B 142 -3.85 -7.90 -23.02
C TYR B 142 -2.50 -8.31 -22.52
N ILE B 143 -1.59 -8.52 -23.46
CA ILE B 143 -0.25 -8.95 -23.11
C ILE B 143 0.74 -7.98 -23.71
N ILE B 144 1.66 -7.46 -22.90
CA ILE B 144 2.60 -6.44 -23.33
C ILE B 144 4.02 -6.77 -22.85
N PRO B 145 4.98 -6.88 -23.77
CA PRO B 145 6.35 -7.21 -23.33
C PRO B 145 6.96 -6.12 -22.45
N ARG B 146 7.79 -6.53 -21.50
CA ARG B 146 8.44 -5.62 -20.58
C ARG B 146 9.30 -4.63 -21.33
N SER B 147 9.82 -5.05 -22.47
CA SER B 147 10.51 -4.11 -23.36
C SER B 147 9.66 -2.89 -23.70
N GLN B 148 8.33 -2.99 -23.59
CA GLN B 148 7.44 -1.86 -23.84
C GLN B 148 6.69 -1.45 -22.55
N GLU B 149 7.33 -1.59 -21.40
CA GLU B 149 6.67 -1.26 -20.14
C GLU B 149 6.21 0.19 -20.08
N SER B 150 6.92 1.12 -20.71
CA SER B 150 6.44 2.49 -20.63
C SER B 150 5.05 2.62 -21.24
N LYS B 151 4.75 1.78 -22.23
CA LYS B 151 3.44 1.79 -22.79
C LYS B 151 2.40 1.23 -21.80
N CYS B 152 2.74 0.11 -21.16
CA CYS B 152 1.87 -0.49 -20.13
C CYS B 152 1.59 0.50 -18.95
N THR B 153 2.64 1.17 -18.48
CA THR B 153 2.50 2.23 -17.47
C THR B 153 1.59 3.39 -17.92
N GLU B 154 1.73 3.83 -19.17
CA GLU B 154 0.79 4.81 -19.71
C GLU B 154 -0.66 4.29 -19.69
N TYR B 155 -0.87 3.03 -20.07
CA TYR B 155 -2.22 2.50 -20.08
C TYR B 155 -2.79 2.41 -18.69
N ILE B 156 -1.98 1.94 -17.76
CA ILE B 156 -2.43 1.84 -16.37
C ILE B 156 -2.93 3.20 -15.88
N ASN B 157 -2.21 4.24 -16.26
CA ASN B 157 -2.42 5.60 -15.70
C ASN B 157 -3.38 6.48 -16.50
N THR B 158 -3.49 6.26 -17.81
CA THR B 158 -4.37 7.12 -18.63
C THR B 158 -5.38 6.40 -19.52
N GLY B 159 -5.38 5.07 -19.59
CA GLY B 159 -6.45 4.34 -20.27
C GLY B 159 -5.92 3.76 -21.55
N LEU B 160 -6.59 2.71 -22.04
CA LEU B 160 -6.18 2.04 -23.30
C LEU B 160 -6.14 2.95 -24.54
#